data_5JCY
#
_entry.id   5JCY
#
_cell.length_a   99.610
_cell.length_b   41.220
_cell.length_c   108.220
_cell.angle_alpha   90.00
_cell.angle_beta   115.89
_cell.angle_gamma   90.00
#
_symmetry.space_group_name_H-M   'C 1 2 1'
#
loop_
_entity.id
_entity.type
_entity.pdbx_description
1 polymer 'Unconventional myosin-Va'
2 polymer 'Protein spire homolog 2'
3 water water
#
loop_
_entity_poly.entity_id
_entity_poly.type
_entity_poly.pdbx_seq_one_letter_code
_entity_poly.pdbx_strand_id
1 'polypeptide(L)'
;GAMGSVNIPRKEKDFQGMLEYKKEDEQKLVKNLILELKPRGVAVNLIPGLPAYILFMCVRHADYLNDDQKVRSLLTSTIN
SIKKVLKKRGDDFETVSFWLSNTCRFLHCLKQYSGEEGFMKHNTSRQNEHCLTNFDLAEYRQVLSDLAIQIYQQLVRVLE
NILQPMIVSGMLEHETIQGVSGVKPTGLRKRTSSIADEGTYTLDSILRQLNSFHSVMCQHGMDPELIKQVVKQMFYIIGA
ITLNNLLLRKDMCSWSKGMQIRYNVSQLEEWLRDKNLMNSGAKETLEPLIQAAQLLQVKKKTDDDAEAICSMCNALTTAQ
IVKVLNLYTPVNEFEERVSVSFIRTIQMRLRDRKDSPQLLMDAKHIFPVTFPFNPSSLALETIQIPASLGLGFISRV
;
A
2 'polypeptide(L)' QRPRPRVLLKAPTLAEMEEMNTSEEEE B
#
# COMPACT_ATOMS: atom_id res chain seq x y z
CA GLU A 12 33.35 -22.64 -13.03
C GLU A 12 33.84 -21.19 -13.00
N LYS A 13 33.23 -20.36 -13.85
CA LYS A 13 33.57 -18.94 -13.90
C LYS A 13 32.90 -18.23 -12.74
N ASP A 14 33.67 -17.36 -12.07
CA ASP A 14 33.14 -16.54 -10.98
C ASP A 14 32.89 -15.13 -11.49
N PHE A 15 31.63 -14.81 -11.72
CA PHE A 15 31.25 -13.49 -12.22
C PHE A 15 31.34 -12.46 -11.10
N GLN A 16 31.44 -11.19 -11.48
CA GLN A 16 31.56 -10.11 -10.52
C GLN A 16 30.21 -9.60 -10.02
N GLY A 17 29.12 -9.94 -10.71
CA GLY A 17 27.81 -9.41 -10.34
C GLY A 17 27.54 -7.98 -10.82
N MET A 18 28.13 -7.63 -11.95
CA MET A 18 27.93 -6.35 -12.59
C MET A 18 27.45 -6.53 -14.03
N LEU A 19 26.89 -5.47 -14.59
CA LEU A 19 26.43 -5.43 -15.98
C LEU A 19 26.96 -4.21 -16.68
N GLU A 20 27.55 -4.43 -17.86
CA GLU A 20 28.07 -3.34 -18.67
C GLU A 20 27.19 -3.03 -19.87
N TYR A 21 27.07 -1.75 -20.19
CA TYR A 21 26.39 -1.34 -21.40
C TYR A 21 27.09 -0.11 -21.97
N LYS A 22 26.92 0.10 -23.27
CA LYS A 22 27.51 1.26 -23.93
C LYS A 22 26.59 2.48 -23.81
N LYS A 23 27.21 3.65 -23.66
CA LYS A 23 26.44 4.86 -23.42
C LYS A 23 25.40 5.07 -24.50
N GLU A 24 25.75 4.71 -25.74
CA GLU A 24 24.85 4.89 -26.88
C GLU A 24 23.62 4.02 -26.77
N ASP A 25 23.67 3.02 -25.90
CA ASP A 25 22.56 2.08 -25.72
C ASP A 25 21.71 2.40 -24.47
N GLU A 26 21.97 3.49 -23.79
CA GLU A 26 21.27 3.75 -22.53
C GLU A 26 19.77 3.88 -22.74
N GLN A 27 19.35 4.53 -23.82
CA GLN A 27 17.92 4.70 -24.03
C GLN A 27 17.26 3.39 -24.45
N LYS A 28 17.95 2.55 -25.20
CA LYS A 28 17.40 1.23 -25.52
C LYS A 28 17.28 0.40 -24.24
N LEU A 29 18.21 0.59 -23.31
CA LEU A 29 18.18 -0.11 -22.03
C LEU A 29 16.89 0.19 -21.26
N VAL A 30 16.60 1.47 -21.07
CA VAL A 30 15.42 1.81 -20.27
C VAL A 30 14.14 1.58 -21.08
N LYS A 31 14.22 1.63 -22.41
CA LYS A 31 13.08 1.27 -23.23
C LYS A 31 12.67 -0.17 -22.97
N ASN A 32 13.62 -1.11 -23.03
CA ASN A 32 13.28 -2.52 -22.91
C ASN A 32 13.10 -2.98 -21.46
N LEU A 33 13.84 -2.37 -20.54
CA LEU A 33 13.78 -2.76 -19.14
C LEU A 33 12.66 -2.09 -18.37
N ILE A 34 12.18 -0.94 -18.86
CA ILE A 34 11.18 -0.17 -18.11
C ILE A 34 9.95 0.13 -18.97
N LEU A 35 10.12 0.79 -20.12
CA LEU A 35 8.98 1.31 -20.84
C LEU A 35 8.09 0.20 -21.41
N GLU A 36 8.68 -0.90 -21.84
CA GLU A 36 7.91 -1.93 -22.53
C GLU A 36 7.78 -3.23 -21.74
N LEU A 37 8.12 -3.16 -20.46
CA LEU A 37 8.11 -4.34 -19.62
C LEU A 37 6.68 -4.63 -19.16
N LYS A 38 6.22 -5.87 -19.31
CA LYS A 38 4.85 -6.23 -18.91
C LYS A 38 4.86 -6.70 -17.47
N PRO A 39 4.02 -6.11 -16.60
CA PRO A 39 4.11 -6.43 -15.17
C PRO A 39 3.68 -7.85 -14.80
N ARG A 40 2.93 -8.52 -15.69
CA ARG A 40 2.52 -9.89 -15.44
C ARG A 40 3.24 -10.87 -16.36
N GLY A 41 4.25 -10.40 -17.09
CA GLY A 41 5.04 -11.28 -17.93
C GLY A 41 5.72 -12.38 -17.15
N VAL A 42 5.84 -13.57 -17.75
CA VAL A 42 6.42 -14.69 -17.03
C VAL A 42 7.89 -14.43 -16.76
N ALA A 43 8.58 -13.99 -17.80
CA ALA A 43 10.04 -13.90 -17.73
C ALA A 43 10.44 -12.96 -16.60
N VAL A 44 9.80 -11.80 -16.53
CA VAL A 44 10.20 -10.83 -15.53
C VAL A 44 9.74 -11.18 -14.11
N ASN A 45 8.80 -12.13 -13.98
CA ASN A 45 8.33 -12.54 -12.66
C ASN A 45 8.93 -13.84 -12.14
N LEU A 46 9.89 -14.41 -12.88
CA LEU A 46 10.59 -15.60 -12.40
C LEU A 46 11.42 -15.25 -11.15
N ILE A 47 12.00 -14.05 -11.19
CA ILE A 47 12.77 -13.49 -10.08
C ILE A 47 12.12 -12.14 -9.70
N PRO A 48 11.36 -12.09 -8.60
CA PRO A 48 10.73 -10.82 -8.20
C PRO A 48 11.77 -9.74 -7.98
N GLY A 49 11.54 -8.55 -8.54
CA GLY A 49 12.48 -7.45 -8.39
C GLY A 49 13.57 -7.46 -9.43
N LEU A 50 13.45 -8.32 -10.45
CA LEU A 50 14.56 -8.46 -11.41
C LEU A 50 15.02 -7.13 -12.06
N PRO A 51 14.06 -6.25 -12.46
CA PRO A 51 14.52 -4.99 -13.06
C PRO A 51 15.35 -4.16 -12.07
N ALA A 52 14.99 -4.16 -10.80
CA ALA A 52 15.79 -3.47 -9.77
C ALA A 52 17.21 -4.03 -9.69
N TYR A 53 17.32 -5.36 -9.64
CA TYR A 53 18.62 -6.01 -9.57
C TYR A 53 19.44 -5.69 -10.81
N ILE A 54 18.81 -5.70 -11.99
CA ILE A 54 19.54 -5.37 -13.22
C ILE A 54 20.07 -3.94 -13.19
N LEU A 55 19.19 -3.01 -12.85
CA LEU A 55 19.59 -1.61 -12.75
C LEU A 55 20.72 -1.41 -11.76
N PHE A 56 20.66 -2.07 -10.61
CA PHE A 56 21.69 -1.89 -9.62
C PHE A 56 23.03 -2.47 -10.13
N MET A 57 22.96 -3.59 -10.80
CA MET A 57 24.20 -4.16 -11.34
C MET A 57 24.81 -3.26 -12.42
N CYS A 58 23.98 -2.55 -13.18
CA CYS A 58 24.47 -1.53 -14.09
C CYS A 58 25.11 -0.35 -13.34
N VAL A 59 24.45 0.12 -12.27
CA VAL A 59 25.05 1.12 -11.41
C VAL A 59 26.41 0.67 -10.87
N ARG A 60 26.50 -0.58 -10.43
CA ARG A 60 27.77 -1.12 -9.96
C ARG A 60 28.89 -0.98 -11.01
N HIS A 61 28.61 -1.27 -12.29
CA HIS A 61 29.70 -1.18 -13.27
C HIS A 61 30.05 0.30 -13.57
N ALA A 62 29.06 1.17 -13.63
CA ALA A 62 29.33 2.62 -13.75
C ALA A 62 30.20 3.14 -12.61
N ASP A 63 29.94 2.65 -11.39
CA ASP A 63 30.74 3.04 -10.22
C ASP A 63 32.17 2.48 -10.36
N TYR A 64 32.24 1.23 -10.78
CA TYR A 64 33.52 0.57 -11.02
C TYR A 64 34.36 1.31 -12.06
N LEU A 65 33.71 1.88 -13.06
CA LEU A 65 34.40 2.63 -14.10
C LEU A 65 34.77 4.05 -13.68
N ASN A 66 34.41 4.41 -12.44
CA ASN A 66 34.65 5.75 -11.89
C ASN A 66 33.99 6.84 -12.71
N ASP A 67 32.81 6.52 -13.25
CA ASP A 67 32.13 7.39 -14.17
C ASP A 67 30.85 7.95 -13.54
N ASP A 68 30.99 9.08 -12.85
CA ASP A 68 29.85 9.63 -12.09
C ASP A 68 28.79 10.18 -13.01
N GLN A 69 29.20 10.61 -14.20
CA GLN A 69 28.24 11.14 -15.15
C GLN A 69 27.39 10.00 -15.70
N LYS A 70 27.98 8.83 -15.85
CA LYS A 70 27.21 7.68 -16.31
C LYS A 70 26.18 7.23 -15.24
N VAL A 71 26.60 7.21 -13.97
CA VAL A 71 25.69 6.95 -12.86
C VAL A 71 24.52 7.94 -12.89
N ARG A 72 24.81 9.23 -13.02
CA ARG A 72 23.78 10.25 -13.08
C ARG A 72 22.79 10.06 -14.23
N SER A 73 23.34 9.77 -15.40
CA SER A 73 22.56 9.58 -16.61
C SER A 73 21.65 8.36 -16.47
N LEU A 74 22.20 7.23 -16.02
CA LEU A 74 21.40 6.02 -15.81
C LEU A 74 20.27 6.23 -14.78
N LEU A 75 20.57 6.89 -13.68
N LEU A 75 20.59 6.87 -13.66
CA LEU A 75 19.58 7.08 -12.62
CA LEU A 75 19.58 7.10 -12.63
C LEU A 75 18.51 8.09 -13.06
C LEU A 75 18.50 8.03 -13.16
N THR A 76 18.91 9.10 -13.82
CA THR A 76 17.95 10.05 -14.38
C THR A 76 17.05 9.39 -15.43
N SER A 77 17.64 8.56 -16.30
CA SER A 77 16.85 7.87 -17.33
C SER A 77 15.89 6.86 -16.72
N THR A 78 16.34 6.22 -15.64
CA THR A 78 15.53 5.24 -14.93
C THR A 78 14.30 5.91 -14.33
N ILE A 79 14.55 6.95 -13.55
CA ILE A 79 13.49 7.64 -12.84
C ILE A 79 12.50 8.25 -13.83
N ASN A 80 13.00 8.89 -14.87
CA ASN A 80 12.12 9.46 -15.88
C ASN A 80 11.31 8.42 -16.63
N SER A 81 11.88 7.24 -16.84
CA SER A 81 11.18 6.20 -17.56
C SER A 81 10.06 5.62 -16.70
N ILE A 82 10.32 5.47 -15.41
CA ILE A 82 9.30 4.96 -14.49
C ILE A 82 8.14 5.96 -14.41
N LYS A 83 8.45 7.24 -14.38
CA LYS A 83 7.41 8.26 -14.38
C LYS A 83 6.61 8.22 -15.68
N LYS A 84 7.29 8.01 -16.80
CA LYS A 84 6.61 7.92 -18.09
CA LYS A 84 6.61 7.92 -18.09
C LYS A 84 5.62 6.75 -18.09
N VAL A 85 6.06 5.59 -17.63
CA VAL A 85 5.20 4.42 -17.58
C VAL A 85 3.95 4.69 -16.75
N LEU A 86 4.14 5.29 -15.59
CA LEU A 86 3.04 5.52 -14.67
C LEU A 86 2.12 6.66 -15.12
N LYS A 87 2.59 7.49 -16.03
CA LYS A 87 1.75 8.55 -16.59
C LYS A 87 0.80 7.93 -17.61
N LYS A 88 1.29 6.92 -18.32
CA LYS A 88 0.57 6.29 -19.41
C LYS A 88 -0.27 5.12 -18.95
N ARG A 89 0.17 4.45 -17.90
CA ARG A 89 -0.49 3.22 -17.43
C ARG A 89 -0.77 3.25 -15.94
N GLY A 90 -0.79 4.44 -15.37
CA GLY A 90 -0.87 4.59 -13.93
C GLY A 90 -2.22 4.26 -13.36
N ASP A 91 -3.18 3.94 -14.22
CA ASP A 91 -4.52 3.54 -13.78
C ASP A 91 -4.66 2.03 -13.68
N ASP A 92 -3.61 1.30 -14.10
CA ASP A 92 -3.56 -0.15 -13.99
C ASP A 92 -2.83 -0.54 -12.74
N PHE A 93 -3.50 -1.22 -11.80
N PHE A 93 -3.56 -1.17 -11.82
CA PHE A 93 -2.88 -1.42 -10.49
CA PHE A 93 -3.02 -1.55 -10.52
C PHE A 93 -1.70 -2.40 -10.60
C PHE A 93 -1.72 -2.34 -10.67
N GLU A 94 -1.77 -3.34 -11.53
CA GLU A 94 -0.62 -4.23 -11.73
C GLU A 94 0.65 -3.47 -12.09
N THR A 95 0.52 -2.48 -12.96
CA THR A 95 1.70 -1.70 -13.36
C THR A 95 2.21 -0.87 -12.17
N VAL A 96 1.29 -0.27 -11.41
CA VAL A 96 1.72 0.56 -10.29
C VAL A 96 2.34 -0.29 -9.18
N SER A 97 1.76 -1.46 -8.91
CA SER A 97 2.33 -2.39 -7.92
C SER A 97 3.74 -2.81 -8.33
N PHE A 98 3.89 -3.08 -9.60
CA PHE A 98 5.15 -3.58 -10.12
C PHE A 98 6.30 -2.58 -9.94
N TRP A 99 6.06 -1.31 -10.30
CA TRP A 99 7.10 -0.31 -10.17
C TRP A 99 7.28 0.22 -8.76
N LEU A 100 6.24 0.19 -7.93
CA LEU A 100 6.46 0.43 -6.49
C LEU A 100 7.41 -0.62 -5.93
N SER A 101 7.15 -1.88 -6.25
N SER A 101 7.14 -1.88 -6.25
CA SER A 101 7.98 -2.95 -5.73
CA SER A 101 7.96 -2.98 -5.74
C SER A 101 9.42 -2.86 -6.22
C SER A 101 9.41 -2.86 -6.23
N ASN A 102 9.60 -2.52 -7.49
CA ASN A 102 10.95 -2.49 -8.04
C ASN A 102 11.68 -1.22 -7.64
N THR A 103 10.94 -0.13 -7.48
CA THR A 103 11.58 1.08 -6.96
C THR A 103 12.10 0.82 -5.54
N CYS A 104 11.30 0.22 -4.68
CA CYS A 104 11.75 -0.15 -3.33
C CYS A 104 12.95 -1.11 -3.33
N ARG A 105 12.89 -2.12 -4.17
CA ARG A 105 14.00 -3.07 -4.21
C ARG A 105 15.29 -2.41 -4.68
N PHE A 106 15.19 -1.50 -5.64
CA PHE A 106 16.35 -0.75 -6.11
C PHE A 106 16.92 0.07 -4.94
N LEU A 107 16.05 0.68 -4.16
CA LEU A 107 16.48 1.44 -2.98
C LEU A 107 17.14 0.52 -1.94
N HIS A 108 16.57 -0.66 -1.71
CA HIS A 108 17.16 -1.60 -0.76
C HIS A 108 18.56 -2.02 -1.25
N CYS A 109 18.72 -2.18 -2.56
CA CYS A 109 20.04 -2.58 -3.12
C CYS A 109 21.07 -1.50 -2.90
N LEU A 110 20.66 -0.25 -3.14
CA LEU A 110 21.55 0.88 -3.00
C LEU A 110 22.01 1.02 -1.56
N LYS A 111 21.16 0.65 -0.60
CA LYS A 111 21.52 0.62 0.81
C LYS A 111 22.42 -0.58 1.16
N GLN A 112 21.91 -1.77 0.83
CA GLN A 112 22.59 -3.03 1.14
C GLN A 112 24.03 -3.06 0.64
N TYR A 113 24.27 -2.44 -0.52
CA TYR A 113 25.57 -2.49 -1.19
C TYR A 113 26.24 -1.12 -1.22
N SER A 114 25.89 -0.30 -0.25
CA SER A 114 26.39 1.07 -0.14
C SER A 114 27.81 1.11 0.40
N GLY A 115 28.14 0.16 1.25
CA GLY A 115 29.39 0.19 1.99
C GLY A 115 29.22 0.72 3.41
N GLU A 116 28.03 1.21 3.73
CA GLU A 116 27.72 1.63 5.09
C GLU A 116 27.44 0.40 5.95
N GLU A 117 28.14 0.29 7.08
CA GLU A 117 28.07 -0.91 7.92
C GLU A 117 26.67 -1.18 8.48
N GLY A 118 25.94 -0.10 8.73
CA GLY A 118 24.59 -0.22 9.25
C GLY A 118 23.67 -1.03 8.35
N PHE A 119 24.00 -1.10 7.06
CA PHE A 119 23.15 -1.77 6.07
C PHE A 119 23.65 -3.15 5.66
N MET A 120 24.75 -3.59 6.26
CA MET A 120 25.44 -4.82 5.85
C MET A 120 25.31 -5.97 6.85
N LYS A 121 24.47 -5.79 7.87
CA LYS A 121 24.37 -6.79 8.93
C LYS A 121 23.91 -8.17 8.49
N HIS A 122 23.02 -8.24 7.51
CA HIS A 122 22.56 -9.52 7.01
C HIS A 122 23.35 -10.01 5.79
N ASN A 123 24.37 -9.26 5.38
CA ASN A 123 25.15 -9.62 4.20
C ASN A 123 26.06 -10.82 4.42
N THR A 124 26.12 -11.68 3.43
CA THR A 124 27.16 -12.69 3.34
C THR A 124 28.48 -12.01 3.07
N SER A 125 29.57 -12.77 3.15
CA SER A 125 30.89 -12.22 2.86
C SER A 125 30.98 -11.86 1.39
N ARG A 126 30.35 -12.66 0.57
CA ARG A 126 30.29 -12.42 -0.88
C ARG A 126 29.50 -11.13 -1.17
N GLN A 127 28.41 -10.91 -0.47
CA GLN A 127 27.63 -9.68 -0.69
C GLN A 127 28.41 -8.41 -0.36
N ASN A 128 29.16 -8.42 0.73
CA ASN A 128 29.99 -7.27 1.08
C ASN A 128 31.07 -6.98 0.05
N GLU A 129 31.47 -8.00 -0.71
CA GLU A 129 32.43 -7.79 -1.79
C GLU A 129 31.82 -6.97 -2.93
N HIS A 130 30.49 -6.89 -2.96
CA HIS A 130 29.77 -6.21 -4.02
C HIS A 130 29.36 -4.76 -3.71
N CYS A 131 29.82 -4.17 -2.60
CA CYS A 131 29.53 -2.76 -2.35
C CYS A 131 30.16 -1.81 -3.38
N LEU A 132 29.54 -0.66 -3.54
CA LEU A 132 30.09 0.41 -4.36
C LEU A 132 31.40 0.88 -3.74
N THR A 133 32.31 1.34 -4.57
CA THR A 133 33.67 1.66 -4.13
C THR A 133 34.02 3.12 -4.32
N ASN A 134 33.47 3.76 -5.34
CA ASN A 134 33.82 5.14 -5.63
C ASN A 134 32.82 6.21 -5.23
N PHE A 135 31.52 5.89 -5.25
CA PHE A 135 30.49 6.92 -5.11
C PHE A 135 29.50 6.61 -4.00
N ASP A 136 29.17 7.67 -3.25
CA ASP A 136 28.15 7.68 -2.21
C ASP A 136 26.87 8.20 -2.87
N LEU A 137 25.85 7.34 -2.95
CA LEU A 137 24.65 7.65 -3.72
C LEU A 137 23.48 8.00 -2.80
N ALA A 138 23.77 8.48 -1.58
CA ALA A 138 22.71 8.88 -0.64
C ALA A 138 21.75 9.91 -1.23
N GLU A 139 22.22 10.84 -2.06
CA GLU A 139 21.31 11.82 -2.63
C GLU A 139 20.32 11.14 -3.58
N TYR A 140 20.80 10.14 -4.30
CA TYR A 140 19.97 9.39 -5.23
C TYR A 140 18.99 8.50 -4.46
N ARG A 141 19.38 8.03 -3.29
CA ARG A 141 18.45 7.22 -2.51
C ARG A 141 17.25 8.08 -2.04
N GLN A 142 17.52 9.34 -1.70
CA GLN A 142 16.45 10.24 -1.31
CA GLN A 142 16.45 10.24 -1.31
C GLN A 142 15.47 10.47 -2.45
N VAL A 143 15.99 10.70 -3.65
CA VAL A 143 15.15 10.91 -4.83
C VAL A 143 14.29 9.64 -5.10
N LEU A 144 14.91 8.47 -5.04
CA LEU A 144 14.14 7.22 -5.20
C LEU A 144 13.07 7.01 -4.12
N SER A 145 13.40 7.38 -2.88
N SER A 145 13.40 7.35 -2.87
CA SER A 145 12.43 7.33 -1.78
CA SER A 145 12.43 7.32 -1.77
C SER A 145 11.24 8.24 -2.06
C SER A 145 11.24 8.23 -2.06
N ASP A 146 11.52 9.46 -2.51
CA ASP A 146 10.48 10.40 -2.91
C ASP A 146 9.60 9.84 -4.05
N LEU A 147 10.25 9.22 -5.04
CA LEU A 147 9.51 8.57 -6.13
C LEU A 147 8.60 7.48 -5.57
N ALA A 148 9.13 6.64 -4.68
CA ALA A 148 8.33 5.53 -4.13
C ALA A 148 7.12 6.05 -3.35
N ILE A 149 7.31 7.15 -2.62
CA ILE A 149 6.18 7.78 -1.94
C ILE A 149 5.09 8.14 -2.96
N GLN A 150 5.50 8.75 -4.06
CA GLN A 150 4.54 9.15 -5.09
C GLN A 150 3.83 7.94 -5.69
N ILE A 151 4.59 6.88 -5.96
CA ILE A 151 3.97 5.69 -6.54
C ILE A 151 3.00 5.03 -5.54
N TYR A 152 3.36 5.01 -4.27
CA TYR A 152 2.49 4.44 -3.24
C TYR A 152 1.17 5.20 -3.20
N GLN A 153 1.26 6.51 -3.28
CA GLN A 153 0.07 7.35 -3.23
C GLN A 153 -0.83 7.05 -4.43
N GLN A 154 -0.21 6.79 -5.58
CA GLN A 154 -0.98 6.46 -6.78
C GLN A 154 -1.60 5.06 -6.63
N LEU A 155 -0.83 4.12 -6.06
CA LEU A 155 -1.36 2.78 -5.79
C LEU A 155 -2.63 2.84 -4.92
N VAL A 156 -2.59 3.64 -3.84
CA VAL A 156 -3.74 3.72 -2.96
C VAL A 156 -4.95 4.24 -3.71
N ARG A 157 -4.73 5.27 -4.53
CA ARG A 157 -5.82 5.85 -5.29
C ARG A 157 -6.43 4.90 -6.33
N VAL A 158 -5.60 4.11 -6.98
CA VAL A 158 -6.10 3.15 -7.95
C VAL A 158 -6.92 2.06 -7.26
N LEU A 159 -6.42 1.54 -6.14
CA LEU A 159 -7.12 0.51 -5.39
C LEU A 159 -8.41 1.06 -4.82
N GLU A 160 -8.36 2.30 -4.35
CA GLU A 160 -9.55 2.95 -3.83
C GLU A 160 -10.64 3.07 -4.89
N ASN A 161 -10.24 3.46 -6.09
N ASN A 161 -10.24 3.41 -6.10
CA ASN A 161 -11.17 3.63 -7.20
CA ASN A 161 -11.20 3.62 -7.18
C ASN A 161 -11.84 2.30 -7.51
C ASN A 161 -11.82 2.30 -7.62
N ILE A 162 -11.08 1.21 -7.43
CA ILE A 162 -11.62 -0.12 -7.73
C ILE A 162 -12.61 -0.56 -6.66
N LEU A 163 -12.32 -0.27 -5.39
CA LEU A 163 -13.17 -0.73 -4.29
C LEU A 163 -14.39 0.11 -4.05
N GLN A 164 -14.28 1.42 -4.32
CA GLN A 164 -15.31 2.39 -3.96
CA GLN A 164 -15.31 2.39 -3.96
CA GLN A 164 -15.31 2.39 -3.96
C GLN A 164 -16.73 1.95 -4.34
N PRO A 165 -16.93 1.44 -5.59
CA PRO A 165 -18.32 1.07 -5.97
C PRO A 165 -18.90 -0.14 -5.23
N MET A 166 -18.02 -0.92 -4.59
CA MET A 166 -18.43 -2.16 -3.92
C MET A 166 -18.78 -1.99 -2.45
N ILE A 167 -18.24 -0.94 -1.85
CA ILE A 167 -18.14 -0.95 -0.41
C ILE A 167 -19.49 -0.84 0.30
N VAL A 168 -20.35 0.10 -0.09
CA VAL A 168 -21.61 0.30 0.61
C VAL A 168 -22.53 -0.90 0.40
N SER A 169 -22.59 -1.39 -0.83
CA SER A 169 -23.40 -2.58 -1.14
C SER A 169 -22.90 -3.78 -0.37
N GLY A 170 -21.59 -4.00 -0.44
CA GLY A 170 -21.00 -5.15 0.22
C GLY A 170 -21.08 -5.11 1.73
N MET A 171 -20.91 -3.93 2.32
CA MET A 171 -20.84 -3.82 3.78
C MET A 171 -22.16 -3.55 4.46
N LEU A 172 -23.06 -2.85 3.78
CA LEU A 172 -24.29 -2.37 4.41
C LEU A 172 -25.60 -2.83 3.81
N GLU A 173 -25.71 -2.79 2.50
CA GLU A 173 -26.99 -3.06 1.86
C GLU A 173 -27.27 -4.53 1.76
N HIS A 174 -26.35 -5.26 1.12
CA HIS A 174 -26.59 -6.67 0.83
C HIS A 174 -26.66 -7.46 2.13
N GLU A 175 -27.66 -8.33 2.24
CA GLU A 175 -27.90 -9.09 3.46
C GLU A 175 -27.30 -10.48 3.36
N THR A 176 -26.78 -10.98 4.48
CA THR A 176 -26.24 -12.34 4.54
C THR A 176 -26.47 -12.96 5.93
N THR A 192 -16.86 -22.06 -2.41
CA THR A 192 -16.64 -21.29 -3.63
C THR A 192 -17.41 -19.96 -3.55
N SER A 193 -16.82 -18.88 -4.06
CA SER A 193 -17.48 -17.55 -4.05
C SER A 193 -17.87 -17.15 -5.46
N SER A 194 -18.97 -16.41 -5.59
CA SER A 194 -19.38 -15.83 -6.86
C SER A 194 -18.83 -14.40 -6.97
N ILE A 195 -18.64 -13.94 -8.21
CA ILE A 195 -18.14 -12.59 -8.48
C ILE A 195 -19.12 -11.53 -7.96
N ALA A 196 -20.40 -11.88 -7.95
CA ALA A 196 -21.46 -10.98 -7.49
C ALA A 196 -22.74 -11.78 -7.26
N ASP A 197 -23.75 -11.14 -6.66
CA ASP A 197 -25.05 -11.78 -6.45
C ASP A 197 -26.05 -11.16 -7.41
N GLU A 198 -26.26 -11.83 -8.56
CA GLU A 198 -27.14 -11.30 -9.60
C GLU A 198 -26.76 -9.86 -9.94
N GLY A 199 -25.46 -9.61 -10.08
CA GLY A 199 -24.95 -8.31 -10.51
C GLY A 199 -24.58 -7.36 -9.37
N THR A 200 -25.03 -7.67 -8.16
CA THR A 200 -24.79 -6.81 -6.99
CA THR A 200 -24.77 -6.78 -7.02
C THR A 200 -23.49 -7.13 -6.28
N TYR A 201 -22.74 -6.09 -5.91
CA TYR A 201 -21.55 -6.31 -5.13
C TYR A 201 -21.91 -6.76 -3.74
N THR A 202 -21.21 -7.77 -3.29
CA THR A 202 -21.40 -8.35 -1.97
C THR A 202 -20.10 -8.28 -1.21
N LEU A 203 -20.11 -8.73 0.03
CA LEU A 203 -18.88 -8.83 0.79
C LEU A 203 -17.90 -9.73 0.03
N ASP A 204 -18.43 -10.77 -0.61
CA ASP A 204 -17.56 -11.68 -1.35
C ASP A 204 -16.86 -11.00 -2.52
N SER A 205 -17.53 -10.04 -3.15
CA SER A 205 -16.92 -9.23 -4.18
C SER A 205 -15.70 -8.48 -3.63
N ILE A 206 -15.87 -7.89 -2.46
CA ILE A 206 -14.77 -7.14 -1.80
C ILE A 206 -13.61 -8.09 -1.51
N LEU A 207 -13.89 -9.25 -0.91
CA LEU A 207 -12.85 -10.20 -0.59
C LEU A 207 -12.13 -10.72 -1.84
N ARG A 208 -12.86 -10.98 -2.93
CA ARG A 208 -12.20 -11.38 -4.18
C ARG A 208 -11.23 -10.29 -4.67
N GLN A 209 -11.64 -9.03 -4.53
CA GLN A 209 -10.82 -7.94 -5.01
C GLN A 209 -9.56 -7.78 -4.15
N LEU A 210 -9.73 -7.87 -2.84
CA LEU A 210 -8.59 -7.89 -1.93
C LEU A 210 -7.65 -9.07 -2.23
N ASN A 211 -8.21 -10.24 -2.53
CA ASN A 211 -7.37 -11.36 -2.97
C ASN A 211 -6.55 -11.09 -4.20
N SER A 212 -7.15 -10.42 -5.17
N SER A 212 -7.13 -10.40 -5.17
CA SER A 212 -6.45 -10.06 -6.40
CA SER A 212 -6.43 -10.11 -6.40
C SER A 212 -5.28 -9.15 -6.09
C SER A 212 -5.29 -9.11 -6.14
N PHE A 213 -5.58 -8.08 -5.35
CA PHE A 213 -4.56 -7.10 -4.95
C PHE A 213 -3.39 -7.76 -4.28
N HIS A 214 -3.71 -8.58 -3.28
CA HIS A 214 -2.70 -9.23 -2.48
C HIS A 214 -1.86 -10.20 -3.32
N SER A 215 -2.51 -10.99 -4.16
N SER A 215 -2.49 -10.99 -4.19
CA SER A 215 -1.78 -11.92 -5.01
CA SER A 215 -1.72 -11.95 -4.97
C SER A 215 -0.77 -11.22 -5.91
C SER A 215 -0.75 -11.23 -5.94
N VAL A 216 -1.13 -10.06 -6.44
CA VAL A 216 -0.29 -9.35 -7.35
C VAL A 216 0.89 -8.75 -6.58
N MET A 217 0.61 -8.11 -5.43
CA MET A 217 1.71 -7.56 -4.61
C MET A 217 2.71 -8.67 -4.22
N CYS A 218 2.22 -9.84 -3.85
CA CYS A 218 3.13 -10.97 -3.55
C CYS A 218 3.94 -11.44 -4.75
N GLN A 219 3.33 -11.56 -5.93
CA GLN A 219 4.04 -11.98 -7.13
CA GLN A 219 4.05 -12.01 -7.12
C GLN A 219 5.18 -11.03 -7.44
N HIS A 220 4.92 -9.75 -7.20
CA HIS A 220 5.90 -8.71 -7.51
C HIS A 220 7.01 -8.61 -6.48
N GLY A 221 6.92 -9.36 -5.40
CA GLY A 221 7.92 -9.30 -4.35
C GLY A 221 7.84 -8.08 -3.47
N MET A 222 6.65 -7.48 -3.36
CA MET A 222 6.54 -6.30 -2.52
C MET A 222 6.96 -6.66 -1.09
N ASP A 223 7.69 -5.77 -0.43
CA ASP A 223 8.06 -6.00 0.98
C ASP A 223 6.85 -6.35 1.86
N PRO A 224 7.00 -7.33 2.76
CA PRO A 224 5.88 -7.63 3.64
C PRO A 224 5.41 -6.44 4.47
N GLU A 225 6.34 -5.59 4.91
CA GLU A 225 5.96 -4.42 5.68
C GLU A 225 5.23 -3.39 4.84
N LEU A 226 5.46 -3.37 3.55
CA LEU A 226 4.75 -2.48 2.66
C LEU A 226 3.36 -3.04 2.32
N ILE A 227 3.31 -4.34 2.04
CA ILE A 227 1.99 -4.97 1.86
C ILE A 227 1.08 -4.69 3.08
N LYS A 228 1.60 -4.88 4.29
CA LYS A 228 0.87 -4.54 5.51
C LYS A 228 0.30 -3.12 5.49
N GLN A 229 1.11 -2.15 5.04
CA GLN A 229 0.64 -0.77 5.00
C GLN A 229 -0.42 -0.54 3.95
N VAL A 230 -0.28 -1.19 2.79
CA VAL A 230 -1.29 -1.07 1.75
C VAL A 230 -2.60 -1.63 2.29
N VAL A 231 -2.55 -2.80 2.93
CA VAL A 231 -3.77 -3.44 3.41
C VAL A 231 -4.41 -2.61 4.54
N LYS A 232 -3.60 -2.08 5.46
CA LYS A 232 -4.13 -1.18 6.50
C LYS A 232 -4.86 0.02 5.88
N GLN A 233 -4.26 0.60 4.84
CA GLN A 233 -4.87 1.74 4.16
C GLN A 233 -6.20 1.37 3.50
N MET A 234 -6.25 0.21 2.87
N MET A 234 -6.24 0.20 2.87
CA MET A 234 -7.48 -0.28 2.22
CA MET A 234 -7.46 -0.28 2.22
C MET A 234 -8.59 -0.51 3.24
C MET A 234 -8.58 -0.51 3.23
N PHE A 235 -8.24 -1.10 4.37
CA PHE A 235 -9.24 -1.33 5.41
C PHE A 235 -9.76 0.00 5.98
N TYR A 236 -8.87 0.97 6.13
CA TYR A 236 -9.29 2.28 6.59
C TYR A 236 -10.37 2.84 5.67
N ILE A 237 -10.12 2.74 4.38
CA ILE A 237 -11.03 3.27 3.38
C ILE A 237 -12.37 2.52 3.44
N ILE A 238 -12.32 1.20 3.57
CA ILE A 238 -13.54 0.41 3.68
C ILE A 238 -14.36 0.90 4.92
N GLY A 239 -13.70 1.04 6.06
CA GLY A 239 -14.39 1.42 7.27
C GLY A 239 -14.91 2.85 7.21
N ALA A 240 -14.17 3.72 6.54
CA ALA A 240 -14.54 5.14 6.52
C ALA A 240 -15.76 5.35 5.61
N ILE A 241 -15.72 4.74 4.43
CA ILE A 241 -16.83 4.85 3.50
C ILE A 241 -18.09 4.19 4.08
N THR A 242 -17.93 3.04 4.73
CA THR A 242 -19.05 2.37 5.35
C THR A 242 -19.65 3.20 6.47
N LEU A 243 -18.81 3.72 7.36
CA LEU A 243 -19.35 4.49 8.48
C LEU A 243 -20.01 5.75 7.96
N ASN A 244 -19.40 6.43 7.01
CA ASN A 244 -19.98 7.67 6.52
C ASN A 244 -21.36 7.44 5.89
N ASN A 245 -21.53 6.36 5.15
N ASN A 245 -21.50 6.36 5.14
CA ASN A 245 -22.84 6.10 4.56
CA ASN A 245 -22.79 5.99 4.54
C ASN A 245 -23.88 5.62 5.58
C ASN A 245 -23.84 5.72 5.62
N LEU A 246 -23.43 5.01 6.67
CA LEU A 246 -24.31 4.73 7.78
C LEU A 246 -24.84 6.01 8.45
N LEU A 247 -23.98 7.01 8.56
CA LEU A 247 -24.34 8.29 9.15
C LEU A 247 -25.14 9.18 8.21
N LEU A 248 -25.08 8.93 6.90
CA LEU A 248 -25.74 9.78 5.92
C LEU A 248 -27.10 9.25 5.46
N ARG A 249 -27.30 7.94 5.56
CA ARG A 249 -28.62 7.36 5.29
C ARG A 249 -29.51 7.42 6.54
N LYS A 250 -30.80 7.16 6.36
CA LYS A 250 -31.74 7.18 7.46
C LYS A 250 -32.15 5.77 7.88
N ASP A 251 -31.71 4.76 7.14
CA ASP A 251 -32.26 3.42 7.29
C ASP A 251 -31.23 2.35 7.75
N MET A 252 -30.01 2.78 8.06
CA MET A 252 -28.94 1.82 8.38
C MET A 252 -28.66 1.70 9.88
N CYS A 253 -29.40 2.41 10.72
CA CYS A 253 -29.16 2.35 12.16
C CYS A 253 -30.23 1.54 12.89
N SER A 254 -29.98 0.25 12.96
CA SER A 254 -30.87 -0.70 13.62
C SER A 254 -30.03 -1.78 14.28
N TRP A 255 -30.66 -2.53 15.20
CA TRP A 255 -30.01 -3.65 15.85
C TRP A 255 -29.56 -4.68 14.81
N SER A 256 -30.44 -4.93 13.86
CA SER A 256 -30.17 -5.90 12.82
C SER A 256 -29.00 -5.49 11.93
N LYS A 257 -28.92 -4.21 11.60
CA LYS A 257 -27.79 -3.78 10.79
C LYS A 257 -26.50 -3.86 11.59
N GLY A 258 -26.57 -3.59 12.89
CA GLY A 258 -25.46 -3.83 13.78
C GLY A 258 -24.92 -5.25 13.67
N MET A 259 -25.82 -6.23 13.62
CA MET A 259 -25.40 -7.64 13.44
C MET A 259 -24.76 -7.89 12.09
N GLN A 260 -25.32 -7.27 11.07
CA GLN A 260 -24.79 -7.42 9.73
C GLN A 260 -23.34 -6.87 9.64
N ILE A 261 -23.13 -5.70 10.22
CA ILE A 261 -21.79 -5.10 10.21
C ILE A 261 -20.81 -5.96 10.98
N ARG A 262 -21.23 -6.46 12.13
CA ARG A 262 -20.41 -7.40 12.90
C ARG A 262 -20.00 -8.61 12.10
N TYR A 263 -20.94 -9.19 11.38
CA TYR A 263 -20.59 -10.34 10.56
C TYR A 263 -19.61 -9.94 9.45
N ASN A 264 -19.82 -8.80 8.81
CA ASN A 264 -18.94 -8.43 7.72
C ASN A 264 -17.52 -8.13 8.22
N VAL A 265 -17.41 -7.43 9.34
CA VAL A 265 -16.10 -7.19 9.95
C VAL A 265 -15.42 -8.52 10.29
N SER A 266 -16.17 -9.50 10.81
CA SER A 266 -15.55 -10.79 11.15
C SER A 266 -15.02 -11.51 9.92
N GLN A 267 -15.66 -11.35 8.77
CA GLN A 267 -15.15 -11.92 7.54
C GLN A 267 -13.93 -11.17 7.03
N LEU A 268 -13.90 -9.85 7.20
CA LEU A 268 -12.66 -9.11 6.88
C LEU A 268 -11.52 -9.54 7.81
N GLU A 269 -11.83 -9.83 9.06
CA GLU A 269 -10.79 -10.27 10.00
C GLU A 269 -10.27 -11.66 9.61
N GLU A 270 -11.17 -12.52 9.19
CA GLU A 270 -10.78 -13.85 8.74
CA GLU A 270 -10.78 -13.86 8.74
C GLU A 270 -9.89 -13.78 7.50
N TRP A 271 -10.17 -12.83 6.61
CA TRP A 271 -9.31 -12.63 5.46
C TRP A 271 -7.89 -12.23 5.91
N LEU A 272 -7.79 -11.35 6.88
CA LEU A 272 -6.47 -10.97 7.39
C LEU A 272 -5.75 -12.22 7.94
N ARG A 273 -6.49 -13.06 8.65
CA ARG A 273 -5.93 -14.32 9.17
C ARG A 273 -5.40 -15.18 8.05
N ASP A 274 -6.23 -15.39 7.03
CA ASP A 274 -5.83 -16.23 5.90
C ASP A 274 -4.53 -15.73 5.26
N LYS A 275 -4.33 -14.41 5.28
CA LYS A 275 -3.17 -13.81 4.61
C LYS A 275 -2.01 -13.49 5.55
N ASN A 276 -2.13 -13.92 6.80
CA ASN A 276 -1.12 -13.67 7.83
C ASN A 276 -0.84 -12.18 8.00
N LEU A 277 -1.92 -11.38 8.04
CA LEU A 277 -1.82 -9.93 8.14
C LEU A 277 -2.54 -9.39 9.36
N MET A 278 -2.75 -10.23 10.37
CA MET A 278 -3.49 -9.78 11.54
C MET A 278 -2.69 -8.77 12.37
N ASN A 279 -1.38 -8.64 12.13
CA ASN A 279 -0.60 -7.60 12.82
C ASN A 279 -0.29 -6.38 11.93
N SER A 280 -1.04 -6.20 10.85
CA SER A 280 -0.83 -5.09 9.92
C SER A 280 -1.35 -3.76 10.44
N GLY A 281 -2.20 -3.82 11.46
CA GLY A 281 -2.91 -2.64 11.94
C GLY A 281 -4.23 -2.39 11.20
N ALA A 282 -4.52 -3.22 10.21
CA ALA A 282 -5.75 -3.05 9.40
C ALA A 282 -7.03 -3.16 10.21
N LYS A 283 -7.13 -4.16 11.09
CA LYS A 283 -8.37 -4.34 11.86
C LYS A 283 -8.63 -3.12 12.74
N GLU A 284 -7.56 -2.57 13.31
CA GLU A 284 -7.67 -1.42 14.17
C GLU A 284 -8.19 -0.15 13.46
N THR A 285 -8.02 -0.05 12.15
CA THR A 285 -8.53 1.14 11.47
C THR A 285 -10.04 1.14 11.41
N LEU A 286 -10.65 -0.03 11.66
CA LEU A 286 -12.11 -0.19 11.60
C LEU A 286 -12.80 0.16 12.91
N GLU A 287 -12.03 0.66 13.88
CA GLU A 287 -12.55 0.80 15.22
C GLU A 287 -13.77 1.75 15.24
N PRO A 288 -13.77 2.84 14.43
CA PRO A 288 -14.98 3.67 14.48
C PRO A 288 -16.23 2.90 14.00
N LEU A 289 -16.17 2.22 12.87
CA LEU A 289 -17.28 1.38 12.43
C LEU A 289 -17.67 0.31 13.47
N ILE A 290 -16.67 -0.36 14.05
CA ILE A 290 -16.89 -1.38 15.07
C ILE A 290 -17.65 -0.82 16.26
N GLN A 291 -17.28 0.39 16.69
CA GLN A 291 -17.96 1.00 17.82
C GLN A 291 -19.37 1.46 17.47
N ALA A 292 -19.55 1.94 16.24
CA ALA A 292 -20.91 2.29 15.79
C ALA A 292 -21.84 1.08 15.80
N ALA A 293 -21.34 -0.06 15.38
CA ALA A 293 -22.14 -1.27 15.36
C ALA A 293 -22.50 -1.70 16.79
N GLN A 294 -21.56 -1.56 17.72
CA GLN A 294 -21.82 -1.87 19.12
C GLN A 294 -22.87 -0.91 19.68
N LEU A 295 -22.78 0.35 19.27
CA LEU A 295 -23.67 1.39 19.75
C LEU A 295 -25.12 1.06 19.37
N LEU A 296 -25.29 0.51 18.18
CA LEU A 296 -26.61 0.07 17.71
C LEU A 296 -27.23 -1.04 18.56
N GLN A 297 -26.39 -1.77 19.31
CA GLN A 297 -26.85 -2.99 19.97
C GLN A 297 -26.91 -2.88 21.49
N VAL A 298 -26.39 -1.81 22.08
CA VAL A 298 -26.48 -1.66 23.53
C VAL A 298 -27.82 -1.08 23.97
N LYS A 299 -28.09 -1.15 25.26
CA LYS A 299 -29.25 -0.49 25.86
C LYS A 299 -29.03 1.03 25.86
N LYS A 300 -30.12 1.77 25.71
CA LYS A 300 -30.06 3.20 25.46
C LYS A 300 -31.09 3.98 26.28
N LYS A 301 -31.28 3.62 27.55
CA LYS A 301 -32.31 4.23 28.39
C LYS A 301 -31.83 4.87 29.69
N THR A 302 -31.05 4.14 30.49
CA THR A 302 -30.65 4.59 31.83
C THR A 302 -29.32 5.35 31.88
N ASP A 303 -28.98 5.87 33.06
CA ASP A 303 -27.73 6.61 33.23
C ASP A 303 -26.55 5.65 33.21
N ASP A 304 -26.77 4.41 33.64
CA ASP A 304 -25.77 3.36 33.48
C ASP A 304 -25.55 3.07 31.99
N ASP A 305 -26.63 3.06 31.20
CA ASP A 305 -26.51 2.87 29.75
C ASP A 305 -25.75 4.01 29.10
N ALA A 306 -25.98 5.22 29.59
CA ALA A 306 -25.32 6.42 29.06
C ALA A 306 -23.82 6.41 29.39
N GLU A 307 -23.48 6.08 30.62
CA GLU A 307 -22.07 6.03 31.03
CA GLU A 307 -22.08 6.04 31.02
C GLU A 307 -21.33 4.97 30.23
N ALA A 308 -21.98 3.83 30.00
CA ALA A 308 -21.39 2.77 29.21
C ALA A 308 -21.09 3.23 27.78
N ILE A 309 -21.99 3.99 27.18
CA ILE A 309 -21.80 4.47 25.82
C ILE A 309 -20.61 5.42 25.79
N CYS A 310 -20.52 6.32 26.77
CA CYS A 310 -19.42 7.26 26.82
C CYS A 310 -18.06 6.57 27.03
N SER A 311 -18.05 5.50 27.82
CA SER A 311 -16.84 4.73 28.07
C SER A 311 -16.44 3.91 26.84
N MET A 312 -17.44 3.39 26.13
CA MET A 312 -17.30 2.51 24.99
C MET A 312 -16.87 3.17 23.69
N CYS A 313 -17.34 4.39 23.46
CA CYS A 313 -17.24 5.02 22.14
C CYS A 313 -16.10 6.02 22.05
N ASN A 314 -14.89 5.61 22.40
CA ASN A 314 -13.77 6.55 22.36
C ASN A 314 -13.25 6.83 20.94
N ALA A 315 -13.66 6.03 19.96
CA ALA A 315 -13.23 6.24 18.57
C ALA A 315 -14.26 6.98 17.72
N LEU A 316 -15.36 7.39 18.33
CA LEU A 316 -16.42 8.14 17.66
C LEU A 316 -16.47 9.54 18.26
N THR A 317 -16.67 10.54 17.40
CA THR A 317 -16.87 11.92 17.89
C THR A 317 -18.23 11.99 18.54
N THR A 318 -18.45 13.04 19.33
CA THR A 318 -19.76 13.26 19.92
C THR A 318 -20.82 13.38 18.87
N ALA A 319 -20.49 14.07 17.78
CA ALA A 319 -21.46 14.26 16.70
C ALA A 319 -21.86 12.91 16.11
N GLN A 320 -20.91 12.00 15.98
CA GLN A 320 -21.21 10.68 15.44
C GLN A 320 -22.09 9.86 16.40
N ILE A 321 -21.80 9.89 17.68
CA ILE A 321 -22.57 9.15 18.66
C ILE A 321 -24.02 9.67 18.66
N VAL A 322 -24.14 10.99 18.62
CA VAL A 322 -25.47 11.60 18.68
C VAL A 322 -26.27 11.29 17.42
N LYS A 323 -25.60 11.27 16.27
CA LYS A 323 -26.24 10.94 15.00
C LYS A 323 -26.81 9.54 15.03
N VAL A 324 -25.97 8.58 15.42
CA VAL A 324 -26.43 7.20 15.49
C VAL A 324 -27.64 7.05 16.41
N LEU A 325 -27.63 7.72 17.55
CA LEU A 325 -28.72 7.58 18.51
C LEU A 325 -30.00 8.21 17.99
N ASN A 326 -29.87 9.31 17.25
CA ASN A 326 -31.02 9.94 16.62
C ASN A 326 -31.62 9.10 15.48
N LEU A 327 -30.75 8.42 14.74
CA LEU A 327 -31.18 7.64 13.59
C LEU A 327 -31.73 6.27 13.99
N TYR A 328 -31.42 5.83 15.21
CA TYR A 328 -31.72 4.45 15.61
C TYR A 328 -33.21 4.11 15.49
N THR A 329 -33.48 3.04 14.77
CA THR A 329 -34.83 2.52 14.53
C THR A 329 -35.14 1.28 15.36
N PRO A 330 -36.21 1.31 16.17
CA PRO A 330 -36.63 0.09 16.88
C PRO A 330 -36.96 -1.08 15.95
N VAL A 331 -36.72 -2.31 16.42
CA VAL A 331 -36.93 -3.50 15.60
C VAL A 331 -38.41 -3.73 15.35
N ASN A 332 -39.21 -3.37 16.35
CA ASN A 332 -40.65 -3.51 16.29
C ASN A 332 -41.24 -2.70 17.44
N GLU A 333 -42.53 -2.88 17.68
CA GLU A 333 -43.28 -2.11 18.68
C GLU A 333 -42.83 -2.35 20.11
N PHE A 334 -42.18 -3.49 20.35
CA PHE A 334 -41.70 -3.84 21.69
C PHE A 334 -40.39 -3.14 22.02
N GLU A 335 -39.90 -2.31 21.10
CA GLU A 335 -38.71 -1.50 21.34
C GLU A 335 -39.01 -0.03 21.04
N GLU A 336 -38.50 0.88 21.87
CA GLU A 336 -38.73 2.32 21.72
C GLU A 336 -37.54 3.04 21.08
N ARG A 337 -37.78 4.25 20.57
CA ARG A 337 -36.72 5.13 20.08
C ARG A 337 -35.92 5.67 21.24
N VAL A 338 -34.71 6.14 20.93
CA VAL A 338 -33.89 6.87 21.89
C VAL A 338 -34.48 8.23 22.23
N SER A 339 -34.50 8.57 23.51
CA SER A 339 -35.15 9.78 23.98
C SER A 339 -34.25 11.00 23.85
N VAL A 340 -34.84 12.19 23.71
CA VAL A 340 -34.04 13.40 23.53
C VAL A 340 -33.28 13.75 24.81
N SER A 341 -33.80 13.35 25.97
CA SER A 341 -33.12 13.65 27.22
C SER A 341 -31.93 12.71 27.41
N PHE A 342 -32.03 11.50 26.88
CA PHE A 342 -30.92 10.56 26.92
C PHE A 342 -29.75 11.10 26.11
N ILE A 343 -30.06 11.66 24.94
CA ILE A 343 -29.03 12.19 24.06
C ILE A 343 -28.38 13.37 24.73
N ARG A 344 -29.16 14.18 25.42
CA ARG A 344 -28.60 15.35 26.09
C ARG A 344 -27.65 14.91 27.20
N THR A 345 -27.96 13.80 27.86
CA THR A 345 -27.13 13.30 28.95
C THR A 345 -25.73 12.93 28.42
N ILE A 346 -25.70 12.32 27.24
CA ILE A 346 -24.42 11.94 26.65
C ILE A 346 -23.65 13.18 26.22
N GLN A 347 -24.35 14.16 25.67
CA GLN A 347 -23.68 15.40 25.26
C GLN A 347 -23.06 16.11 26.45
N MET A 348 -23.78 16.12 27.57
CA MET A 348 -23.24 16.69 28.81
C MET A 348 -22.02 15.94 29.31
N ARG A 349 -22.09 14.61 29.31
CA ARG A 349 -21.01 13.77 29.77
C ARG A 349 -19.73 13.93 28.96
N LEU A 350 -19.89 14.23 27.67
CA LEU A 350 -18.75 14.33 26.76
C LEU A 350 -18.33 15.77 26.50
N ARG A 351 -18.77 16.67 27.38
CA ARG A 351 -18.54 18.11 27.21
C ARG A 351 -17.07 18.51 27.14
N ASP A 352 -16.24 17.99 28.04
CA ASP A 352 -14.86 18.43 28.12
C ASP A 352 -13.95 17.60 27.21
N ARG A 353 -14.56 16.89 26.27
CA ARG A 353 -13.80 16.23 25.22
C ARG A 353 -13.27 17.28 24.26
N LYS A 354 -11.96 17.32 24.07
CA LYS A 354 -11.40 18.27 23.11
C LYS A 354 -11.65 17.67 21.73
N ASP A 355 -12.95 17.55 21.42
CA ASP A 355 -13.44 16.76 20.31
C ASP A 355 -13.44 17.56 19.01
N SER A 356 -13.34 16.84 17.89
CA SER A 356 -13.59 17.45 16.59
C SER A 356 -15.10 17.55 16.38
N PRO A 357 -15.59 18.68 15.85
CA PRO A 357 -17.04 18.85 15.67
C PRO A 357 -17.56 18.10 14.44
N GLN A 358 -16.68 17.41 13.72
CA GLN A 358 -17.02 16.79 12.44
C GLN A 358 -17.87 15.53 12.57
N LEU A 359 -18.75 15.32 11.59
CA LEU A 359 -19.56 14.13 11.54
C LEU A 359 -18.89 13.03 10.73
N LEU A 360 -18.28 13.39 9.61
CA LEU A 360 -17.78 12.39 8.67
C LEU A 360 -16.30 12.12 8.86
N MET A 361 -15.95 10.86 8.76
CA MET A 361 -14.55 10.48 8.64
C MET A 361 -13.97 11.00 7.34
N ASP A 362 -12.68 11.31 7.34
CA ASP A 362 -11.98 11.73 6.14
C ASP A 362 -11.54 10.49 5.40
N ALA A 363 -12.33 10.07 4.41
CA ALA A 363 -12.05 8.81 3.74
C ALA A 363 -10.84 8.94 2.82
N LYS A 364 -10.31 10.16 2.68
CA LYS A 364 -9.16 10.40 1.82
C LYS A 364 -7.83 10.54 2.57
N HIS A 365 -7.88 10.32 3.88
CA HIS A 365 -6.69 10.34 4.70
C HIS A 365 -5.76 9.19 4.28
N ILE A 366 -4.46 9.46 4.15
CA ILE A 366 -3.47 8.42 3.86
C ILE A 366 -2.38 8.41 4.94
N PHE A 367 -2.26 7.30 5.65
CA PHE A 367 -1.28 7.17 6.70
C PHE A 367 0.10 7.31 6.05
N PRO A 368 1.00 8.08 6.69
CA PRO A 368 2.33 8.22 6.11
C PRO A 368 3.05 6.88 5.95
N VAL A 369 3.58 6.66 4.75
CA VAL A 369 4.21 5.38 4.38
C VAL A 369 5.70 5.40 4.75
N THR A 370 6.22 4.23 5.12
CA THR A 370 7.65 4.06 5.33
C THR A 370 8.11 2.82 4.60
N PHE A 371 9.40 2.83 4.26
CA PHE A 371 10.02 1.77 3.48
C PHE A 371 11.22 1.25 4.27
N PRO A 372 10.94 0.50 5.33
CA PRO A 372 12.06 0.01 6.14
C PRO A 372 12.96 -0.92 5.33
N PHE A 373 14.24 -0.87 5.66
CA PHE A 373 15.26 -1.62 4.94
C PHE A 373 14.98 -3.12 5.00
N ASN A 374 14.95 -3.73 3.83
CA ASN A 374 14.69 -5.16 3.66
C ASN A 374 15.76 -5.78 2.78
N PRO A 375 16.92 -6.12 3.36
CA PRO A 375 17.98 -6.69 2.52
C PRO A 375 17.57 -8.03 1.93
N SER A 376 18.20 -8.43 0.83
CA SER A 376 17.84 -9.66 0.17
C SER A 376 19.02 -10.64 0.18
N SER A 377 18.70 -11.93 0.07
CA SER A 377 19.70 -12.99 0.10
CA SER A 377 19.71 -12.98 0.09
C SER A 377 20.23 -13.30 -1.31
N LEU A 378 19.63 -12.66 -2.31
CA LEU A 378 19.96 -12.96 -3.70
C LEU A 378 21.40 -12.61 -4.04
N ALA A 379 22.13 -13.60 -4.54
CA ALA A 379 23.53 -13.41 -4.93
C ALA A 379 23.62 -12.76 -6.32
N LEU A 380 24.13 -11.54 -6.40
CA LEU A 380 24.20 -10.82 -7.67
C LEU A 380 24.96 -11.59 -8.76
N GLU A 381 26.02 -12.29 -8.36
CA GLU A 381 26.90 -12.94 -9.33
C GLU A 381 26.23 -14.13 -10.01
N THR A 382 25.07 -14.52 -9.50
CA THR A 382 24.30 -15.64 -10.05
C THR A 382 23.12 -15.22 -10.91
N ILE A 383 22.80 -13.92 -10.89
CA ILE A 383 21.58 -13.47 -11.56
C ILE A 383 21.72 -13.50 -13.09
N GLN A 384 20.77 -14.17 -13.76
CA GLN A 384 20.72 -14.23 -15.23
C GLN A 384 19.57 -13.42 -15.81
N ILE A 385 19.87 -12.61 -16.79
CA ILE A 385 18.86 -11.90 -17.52
C ILE A 385 18.13 -12.86 -18.47
N PRO A 386 16.80 -12.93 -18.36
CA PRO A 386 16.05 -13.72 -19.34
C PRO A 386 16.23 -13.18 -20.74
N ALA A 387 16.55 -14.07 -21.66
CA ALA A 387 16.88 -13.66 -23.00
C ALA A 387 15.72 -13.01 -23.71
N SER A 388 14.49 -13.26 -23.26
CA SER A 388 13.33 -12.70 -23.93
C SER A 388 13.15 -11.19 -23.70
N LEU A 389 13.85 -10.61 -22.75
CA LEU A 389 13.63 -9.21 -22.42
C LEU A 389 14.30 -8.26 -23.43
N GLY A 390 15.10 -8.83 -24.33
CA GLY A 390 15.70 -8.04 -25.39
C GLY A 390 16.81 -7.12 -24.89
N LEU A 391 17.63 -7.62 -23.98
CA LEU A 391 18.72 -6.85 -23.38
C LEU A 391 20.07 -7.47 -23.73
N GLY A 392 20.14 -8.11 -24.89
CA GLY A 392 21.35 -8.80 -25.32
C GLY A 392 22.58 -7.92 -25.49
N PHE A 393 22.36 -6.63 -25.66
CA PHE A 393 23.45 -5.65 -25.78
C PHE A 393 24.12 -5.35 -24.43
N ILE A 394 23.53 -5.82 -23.35
CA ILE A 394 24.15 -5.76 -22.03
C ILE A 394 25.09 -6.93 -21.87
N SER A 395 26.27 -6.69 -21.30
N SER A 395 26.27 -6.69 -21.30
CA SER A 395 27.25 -7.76 -21.06
CA SER A 395 27.22 -7.78 -21.06
C SER A 395 27.41 -8.07 -19.57
C SER A 395 27.40 -8.07 -19.58
N ARG A 396 27.39 -9.36 -19.25
CA ARG A 396 27.63 -9.83 -17.89
C ARG A 396 29.09 -9.78 -17.51
N VAL A 397 29.34 -9.12 -16.39
CA VAL A 397 30.68 -8.97 -15.87
C VAL A 397 30.70 -9.71 -14.52
N ARG B 4 39.43 3.65 0.23
CA ARG B 4 39.11 4.72 -0.71
C ARG B 4 37.87 5.49 -0.26
N PRO B 5 37.91 6.82 -0.39
CA PRO B 5 36.74 7.63 -0.01
C PRO B 5 35.65 7.54 -1.06
N ARG B 6 34.40 7.57 -0.61
CA ARG B 6 33.27 7.63 -1.51
C ARG B 6 32.74 9.04 -1.52
N VAL B 7 32.78 9.67 -2.69
CA VAL B 7 32.33 11.02 -2.83
C VAL B 7 30.81 11.05 -2.93
N LEU B 8 30.20 11.96 -2.20
CA LEU B 8 28.75 12.15 -2.26
C LEU B 8 28.37 12.86 -3.55
N LEU B 9 27.75 12.13 -4.47
CA LEU B 9 27.32 12.72 -5.72
C LEU B 9 26.15 13.65 -5.53
N LYS B 10 26.11 14.71 -6.34
CA LYS B 10 24.98 15.63 -6.38
C LYS B 10 23.93 15.07 -7.29
N ALA B 11 22.76 14.75 -6.73
CA ALA B 11 21.66 14.25 -7.55
C ALA B 11 20.72 15.37 -7.97
N PRO B 12 20.30 15.37 -9.25
CA PRO B 12 19.16 16.23 -9.58
C PRO B 12 17.99 15.82 -8.69
N THR B 13 17.20 16.77 -8.22
CA THR B 13 16.00 16.43 -7.43
C THR B 13 14.97 15.78 -8.33
N LEU B 14 14.01 15.11 -7.71
CA LEU B 14 12.95 14.46 -8.46
C LEU B 14 12.31 15.52 -9.35
N ALA B 15 12.07 16.69 -8.76
CA ALA B 15 11.46 17.81 -9.49
C ALA B 15 12.29 18.22 -10.69
N GLU B 16 13.59 18.37 -10.47
CA GLU B 16 14.54 18.75 -11.53
C GLU B 16 14.50 17.77 -12.70
N MET B 17 14.52 16.49 -12.38
CA MET B 17 14.45 15.46 -13.40
C MET B 17 13.17 15.63 -14.22
N GLU B 18 12.08 16.00 -13.53
CA GLU B 18 10.77 16.15 -14.17
C GLU B 18 10.79 17.19 -15.31
N GLU B 19 11.80 18.04 -15.32
CA GLU B 19 12.00 18.99 -16.41
C GLU B 19 12.45 18.27 -17.68
N MET B 20 13.72 17.91 -17.75
CA MET B 20 14.26 17.23 -18.92
C MET B 20 15.74 16.85 -18.71
#